data_3RJ4
#
_entry.id   3RJ4
#
_cell.length_a   123.405
_cell.length_b   71.841
_cell.length_c   81.935
_cell.angle_alpha   90.00
_cell.angle_beta   131.74
_cell.angle_gamma   90.00
#
_symmetry.space_group_name_H-M   'C 1 2 1'
#
loop_
_entity.id
_entity.type
_entity.pdbx_description
1 polymer '7-cyano-7-deazaguanine Reductase QueF'
2 non-polymer GLYCEROL
3 non-polymer 'CHLORIDE ION'
4 non-polymer 'SULFATE ION'
5 water water
#
_entity_poly.entity_id   1
_entity_poly.type   'polypeptide(L)'
_entity_poly.pdbx_seq_one_letter_code
;SNA(MSE)NRLKN(MSE)SKYSDAKELASLTLGKKTEYANQYDPSLLQPVPRSLNRNDLHLSATLPFQGCDIWTLYELSW
LNQKGLPQVAIGEVSIPATSANLIESKSFKLYLNSYNQTRFASWDEVQTRLVHDLSACAGETVTVNVKSLNEYTAEPIVT
(MSE)QGECIDDQDIEIANYEFDDALLQGAAQGEEVSEVLHSHLLKSNALITNQPDWGSVEIAYHGAK(MSE)NREALLR
YLVSFREHNEFHEQCVERIFTDI(MSE)RYCQPQSLTVYARYTRRGGLDINPFRSSHQSAPNHNQR(MSE)ARQ
;
_entity_poly.pdbx_strand_id   A,B
#
# COMPACT_ATOMS: atom_id res chain seq x y z
N ASN A 32 -11.96 -6.89 18.62
CA ASN A 32 -12.37 -8.19 18.10
C ASN A 32 -11.17 -9.08 17.83
N GLN A 33 -11.15 -10.26 18.45
CA GLN A 33 -10.05 -11.19 18.27
C GLN A 33 -10.35 -12.26 17.24
N TYR A 34 -9.48 -13.27 17.12
CA TYR A 34 -9.47 -14.17 15.97
C TYR A 34 -10.87 -14.71 15.68
N ASP A 35 -11.29 -14.50 14.43
CA ASP A 35 -12.64 -14.85 13.98
C ASP A 35 -12.69 -15.37 12.55
N PRO A 36 -12.47 -16.68 12.35
CA PRO A 36 -12.48 -17.19 10.98
C PRO A 36 -13.83 -17.02 10.27
N SER A 37 -14.91 -16.75 11.02
CA SER A 37 -16.24 -16.59 10.40
C SER A 37 -16.32 -15.30 9.59
N LEU A 38 -15.35 -14.41 9.78
CA LEU A 38 -15.33 -13.16 9.04
C LEU A 38 -15.05 -13.38 7.55
N LEU A 39 -14.38 -14.48 7.22
CA LEU A 39 -14.07 -14.79 5.83
C LEU A 39 -15.32 -15.02 4.99
N GLN A 40 -15.36 -14.42 3.80
CA GLN A 40 -16.52 -14.53 2.92
C GLN A 40 -16.11 -15.21 1.62
N PRO A 41 -16.55 -16.45 1.41
CA PRO A 41 -16.31 -17.06 0.08
C PRO A 41 -17.24 -16.49 -0.98
N VAL A 42 -16.74 -16.36 -2.20
CA VAL A 42 -17.54 -16.11 -3.39
C VAL A 42 -17.36 -17.21 -4.44
N PRO A 43 -18.42 -17.95 -4.79
CA PRO A 43 -18.22 -18.96 -5.83
C PRO A 43 -17.67 -18.39 -7.14
N ARG A 44 -16.63 -19.02 -7.68
CA ARG A 44 -16.08 -18.57 -8.96
C ARG A 44 -17.10 -18.65 -10.07
N SER A 45 -17.99 -19.63 -10.00
CA SER A 45 -19.00 -19.83 -11.04
C SER A 45 -19.93 -18.64 -11.21
N LEU A 46 -20.13 -17.85 -10.16
CA LEU A 46 -21.05 -16.71 -10.25
C LEU A 46 -20.66 -15.82 -11.44
N ASN A 47 -19.39 -15.40 -11.46
CA ASN A 47 -18.90 -14.56 -12.55
C ASN A 47 -18.54 -15.33 -13.83
N ARG A 48 -18.07 -16.56 -13.68
CA ARG A 48 -17.71 -17.34 -14.87
C ARG A 48 -18.92 -17.70 -15.74
N ASN A 49 -20.07 -17.91 -15.11
CA ASN A 49 -21.30 -18.18 -15.85
C ASN A 49 -21.51 -17.15 -16.94
N ASP A 50 -21.22 -15.89 -16.62
CA ASP A 50 -21.38 -14.78 -17.56
C ASP A 50 -20.33 -14.76 -18.68
N LEU A 51 -19.26 -15.56 -18.52
CA LEU A 51 -18.25 -15.70 -19.57
C LEU A 51 -18.60 -16.80 -20.57
N HIS A 52 -19.65 -17.56 -20.27
CA HIS A 52 -20.10 -18.65 -21.15
C HIS A 52 -18.97 -19.63 -21.47
N LEU A 53 -18.29 -20.15 -20.45
CA LEU A 53 -17.18 -21.05 -20.74
C LEU A 53 -17.65 -22.43 -21.17
N SER A 54 -16.71 -23.28 -21.55
CA SER A 54 -16.95 -24.70 -21.71
C SER A 54 -16.90 -25.42 -20.37
N ALA A 55 -17.54 -26.58 -20.27
CA ALA A 55 -17.51 -27.35 -19.04
C ALA A 55 -16.07 -27.47 -18.54
N THR A 56 -15.14 -27.64 -19.49
CA THR A 56 -13.72 -27.65 -19.16
C THR A 56 -13.18 -26.21 -19.16
N LEU A 57 -12.66 -25.75 -18.02
CA LEU A 57 -12.02 -24.43 -17.97
C LEU A 57 -10.95 -24.29 -19.05
N PRO A 58 -10.99 -23.18 -19.80
CA PRO A 58 -10.04 -22.83 -20.86
C PRO A 58 -8.64 -22.46 -20.32
N PHE A 59 -8.55 -22.17 -19.03
CA PHE A 59 -7.29 -21.72 -18.45
C PHE A 59 -6.95 -22.47 -17.17
N GLN A 60 -5.71 -22.35 -16.73
CA GLN A 60 -5.32 -22.79 -15.41
C GLN A 60 -4.61 -21.60 -14.76
N GLY A 61 -4.25 -21.73 -13.49
CA GLY A 61 -3.59 -20.61 -12.86
C GLY A 61 -3.86 -20.51 -11.37
N CYS A 62 -3.65 -19.31 -10.85
CA CYS A 62 -3.75 -19.07 -9.42
C CYS A 62 -3.98 -17.59 -9.13
N ASP A 63 -4.46 -17.31 -7.93
CA ASP A 63 -4.56 -15.95 -7.42
C ASP A 63 -3.53 -15.80 -6.32
N ILE A 64 -2.53 -14.96 -6.55
CA ILE A 64 -1.50 -14.70 -5.55
C ILE A 64 -1.85 -13.43 -4.79
N TRP A 65 -1.92 -13.53 -3.48
CA TRP A 65 -2.21 -12.38 -2.63
C TRP A 65 -0.98 -12.01 -1.80
N THR A 66 -0.73 -10.72 -1.62
CA THR A 66 0.29 -10.27 -0.68
C THR A 66 -0.38 -9.61 0.52
N LEU A 67 -0.04 -10.08 1.72
CA LEU A 67 -0.65 -9.52 2.92
C LEU A 67 0.40 -8.65 3.61
N TYR A 68 0.23 -7.35 3.47
CA TYR A 68 1.26 -6.43 3.97
C TYR A 68 1.11 -6.06 5.43
N GLU A 69 -0.08 -6.31 5.98
CA GLU A 69 -0.45 -5.89 7.34
C GLU A 69 -0.41 -6.93 8.47
N LEU A 70 0.04 -8.14 8.16
CA LEU A 70 -0.11 -9.27 9.07
C LEU A 70 0.57 -8.99 10.41
N SER A 71 -0.19 -9.05 11.49
CA SER A 71 0.39 -8.79 12.81
C SER A 71 -0.46 -9.50 13.87
N TRP A 72 0.19 -9.96 14.93
CA TRP A 72 -0.49 -10.65 15.99
C TRP A 72 0.36 -10.48 17.25
N LEU A 73 -0.02 -11.16 18.32
CA LEU A 73 0.74 -11.05 19.58
C LEU A 73 1.35 -12.40 19.87
N ASN A 74 2.57 -12.41 20.41
CA ASN A 74 3.13 -13.69 20.86
C ASN A 74 2.55 -14.12 22.19
N GLN A 75 3.02 -15.24 22.72
CA GLN A 75 2.37 -15.80 23.90
C GLN A 75 2.50 -14.88 25.12
N LYS A 76 3.52 -14.03 25.11
CA LYS A 76 3.75 -13.09 26.21
C LYS A 76 3.15 -11.72 25.92
N GLY A 77 2.45 -11.59 24.81
CA GLY A 77 1.74 -10.37 24.50
C GLY A 77 2.51 -9.34 23.68
N LEU A 78 3.70 -9.71 23.22
CA LEU A 78 4.51 -8.75 22.45
C LEU A 78 4.13 -8.83 20.98
N PRO A 79 3.85 -7.68 20.35
CA PRO A 79 3.42 -7.77 18.95
C PRO A 79 4.48 -8.34 18.01
N GLN A 80 3.99 -9.04 16.98
CA GLN A 80 4.81 -9.63 15.93
C GLN A 80 4.31 -9.04 14.61
N VAL A 81 5.22 -8.82 13.67
CA VAL A 81 4.81 -8.32 12.36
C VAL A 81 5.47 -9.15 11.25
N ALA A 82 4.74 -9.30 10.16
CA ALA A 82 5.17 -10.18 9.06
C ALA A 82 4.48 -9.78 7.78
N ILE A 83 4.98 -10.28 6.66
CA ILE A 83 4.30 -10.12 5.38
C ILE A 83 3.93 -11.53 4.92
N GLY A 84 2.65 -11.75 4.63
CA GLY A 84 2.23 -13.04 4.11
C GLY A 84 2.13 -13.09 2.61
N GLU A 85 2.32 -14.27 2.04
N GLU A 85 2.32 -14.28 2.07
CA GLU A 85 2.10 -14.45 0.59
CA GLU A 85 2.11 -14.51 0.64
C GLU A 85 1.28 -15.71 0.38
C GLU A 85 1.17 -15.71 0.54
N VAL A 86 0.11 -15.56 -0.23
CA VAL A 86 -0.88 -16.62 -0.34
C VAL A 86 -1.13 -16.94 -1.81
N SER A 87 -1.21 -18.23 -2.13
CA SER A 87 -1.58 -18.63 -3.48
C SER A 87 -2.83 -19.48 -3.44
N ILE A 88 -3.88 -19.01 -4.13
CA ILE A 88 -5.13 -19.77 -4.23
C ILE A 88 -5.29 -20.31 -5.66
N PRO A 89 -5.46 -21.65 -5.80
CA PRO A 89 -5.61 -22.25 -7.13
C PRO A 89 -6.83 -21.68 -7.84
N ALA A 90 -6.70 -21.43 -9.15
CA ALA A 90 -7.82 -20.92 -9.94
C ALA A 90 -8.94 -21.94 -10.08
N THR A 91 -8.64 -23.20 -9.77
CA THR A 91 -9.64 -24.26 -9.77
C THR A 91 -10.44 -24.34 -8.46
N SER A 92 -10.08 -23.53 -7.46
CA SER A 92 -10.82 -23.58 -6.20
C SER A 92 -12.28 -23.21 -6.47
N ALA A 93 -13.20 -23.79 -5.71
CA ALA A 93 -14.61 -23.49 -5.91
C ALA A 93 -14.89 -22.01 -5.69
N ASN A 94 -14.22 -21.43 -4.71
CA ASN A 94 -14.47 -20.06 -4.28
C ASN A 94 -13.25 -19.18 -4.32
N LEU A 95 -13.50 -17.91 -4.57
CA LEU A 95 -12.48 -16.92 -4.25
C LEU A 95 -12.82 -16.38 -2.86
N ILE A 96 -11.97 -15.51 -2.35
CA ILE A 96 -12.19 -14.92 -1.04
C ILE A 96 -12.40 -13.43 -1.22
N GLU A 97 -13.52 -12.94 -0.72
CA GLU A 97 -13.84 -11.52 -0.88
C GLU A 97 -12.81 -10.67 -0.13
N SER A 98 -12.29 -9.64 -0.80
CA SER A 98 -11.12 -8.90 -0.27
C SER A 98 -11.37 -8.19 1.06
N LYS A 99 -12.53 -7.56 1.21
CA LYS A 99 -12.83 -6.87 2.49
C LYS A 99 -12.89 -7.86 3.64
N SER A 100 -13.51 -9.01 3.40
CA SER A 100 -13.61 -10.04 4.44
C SER A 100 -12.25 -10.60 4.80
N PHE A 101 -11.37 -10.69 3.81
CA PHE A 101 -10.00 -11.17 4.04
C PHE A 101 -9.27 -10.17 4.97
N LYS A 102 -9.44 -8.87 4.69
CA LYS A 102 -8.87 -7.81 5.52
C LYS A 102 -9.36 -7.91 6.95
N LEU A 103 -10.67 -8.03 7.13
CA LEU A 103 -11.27 -8.09 8.46
C LEU A 103 -10.80 -9.33 9.23
N TYR A 104 -10.71 -10.45 8.52
CA TYR A 104 -10.19 -11.70 9.07
C TYR A 104 -8.76 -11.50 9.58
N LEU A 105 -7.92 -10.91 8.76
CA LEU A 105 -6.54 -10.68 9.19
C LEU A 105 -6.46 -9.72 10.37
N ASN A 106 -7.30 -8.67 10.35
CA ASN A 106 -7.33 -7.75 11.49
C ASN A 106 -7.64 -8.48 12.79
N SER A 107 -8.41 -9.57 12.70
CA SER A 107 -8.80 -10.29 13.92
C SER A 107 -7.60 -10.95 14.60
N TYR A 108 -6.50 -11.13 13.87
CA TYR A 108 -5.28 -11.63 14.48
C TYR A 108 -4.57 -10.60 15.34
N ASN A 109 -4.81 -9.31 15.10
CA ASN A 109 -3.94 -8.27 15.65
C ASN A 109 -3.77 -8.31 17.18
N GLN A 110 -4.89 -8.51 17.86
CA GLN A 110 -4.96 -8.53 19.33
C GLN A 110 -4.94 -9.94 19.93
N THR A 111 -4.73 -10.95 19.09
CA THR A 111 -4.77 -12.33 19.53
C THR A 111 -3.38 -12.90 19.78
N ARG A 112 -3.23 -13.61 20.91
CA ARG A 112 -1.96 -14.26 21.23
C ARG A 112 -1.88 -15.65 20.62
N PHE A 113 -0.76 -15.90 19.94
CA PHE A 113 -0.47 -17.19 19.35
C PHE A 113 0.89 -17.67 19.83
N ALA A 114 1.01 -18.97 20.02
CA ALA A 114 2.21 -19.55 20.63
C ALA A 114 3.46 -19.45 19.76
N SER A 115 3.29 -19.44 18.44
CA SER A 115 4.45 -19.44 17.55
C SER A 115 4.07 -18.94 16.18
N TRP A 116 5.08 -18.58 15.39
CA TRP A 116 4.85 -18.21 13.99
C TRP A 116 4.30 -19.38 13.19
N ASP A 117 4.74 -20.59 13.53
N ASP A 117 4.73 -20.59 13.54
CA ASP A 117 4.22 -21.78 12.87
CA ASP A 117 4.23 -21.80 12.89
C ASP A 117 2.72 -21.91 13.07
C ASP A 117 2.72 -21.90 13.06
N GLU A 118 2.24 -21.61 14.27
CA GLU A 118 0.80 -21.68 14.55
C GLU A 118 0.03 -20.71 13.66
N VAL A 119 0.57 -19.52 13.51
CA VAL A 119 -0.09 -18.52 12.69
C VAL A 119 -0.17 -18.99 11.23
N GLN A 120 0.95 -19.48 10.71
N GLN A 120 0.95 -19.48 10.71
CA GLN A 120 0.96 -19.95 9.31
CA GLN A 120 0.98 -19.94 9.31
C GLN A 120 0.01 -21.11 9.11
C GLN A 120 0.01 -21.11 9.11
N THR A 121 -0.02 -22.02 10.08
CA THR A 121 -0.90 -23.19 10.02
C THR A 121 -2.37 -22.84 10.02
N ARG A 122 -2.76 -21.88 10.86
CA ARG A 122 -4.16 -21.42 10.89
C ARG A 122 -4.55 -20.71 9.61
N LEU A 123 -3.64 -19.91 9.07
CA LEU A 123 -3.92 -19.26 7.80
C LEU A 123 -4.19 -20.29 6.72
N VAL A 124 -3.34 -21.31 6.63
CA VAL A 124 -3.56 -22.35 5.62
C VAL A 124 -4.91 -23.03 5.84
N HIS A 125 -5.20 -23.37 7.08
CA HIS A 125 -6.45 -24.07 7.38
C HIS A 125 -7.69 -23.25 7.01
N ASP A 126 -7.73 -22.01 7.48
CA ASP A 126 -8.92 -21.17 7.30
C ASP A 126 -9.12 -20.73 5.85
N LEU A 127 -8.03 -20.34 5.20
CA LEU A 127 -8.13 -19.90 3.81
C LEU A 127 -8.46 -21.07 2.88
N SER A 128 -7.88 -22.25 3.17
CA SER A 128 -8.19 -23.42 2.36
C SER A 128 -9.66 -23.81 2.51
N ALA A 129 -10.17 -23.72 3.74
CA ALA A 129 -11.57 -24.06 4.00
C ALA A 129 -12.49 -23.13 3.24
N CYS A 130 -12.14 -21.85 3.23
CA CYS A 130 -12.95 -20.84 2.55
C CYS A 130 -12.94 -21.06 1.05
N ALA A 131 -11.76 -21.24 0.48
CA ALA A 131 -11.62 -21.33 -0.97
C ALA A 131 -12.15 -22.66 -1.50
N GLY A 132 -12.10 -23.69 -0.67
CA GLY A 132 -12.56 -25.01 -1.07
C GLY A 132 -11.47 -25.89 -1.64
N GLU A 133 -10.24 -25.40 -1.60
CA GLU A 133 -9.09 -26.17 -2.07
C GLU A 133 -7.87 -25.74 -1.26
N THR A 134 -6.87 -26.61 -1.14
CA THR A 134 -5.68 -26.24 -0.39
C THR A 134 -5.00 -25.00 -0.98
N VAL A 135 -4.72 -24.04 -0.11
CA VAL A 135 -4.02 -22.82 -0.50
C VAL A 135 -2.65 -22.88 0.14
N THR A 136 -1.67 -22.21 -0.47
CA THR A 136 -0.33 -22.17 0.09
C THR A 136 -0.12 -20.82 0.77
N VAL A 137 0.57 -20.85 1.91
CA VAL A 137 0.79 -19.64 2.70
C VAL A 137 2.24 -19.58 3.14
N ASN A 138 2.91 -18.46 2.87
CA ASN A 138 4.25 -18.25 3.43
C ASN A 138 4.21 -17.02 4.32
N VAL A 139 4.63 -17.16 5.58
CA VAL A 139 4.69 -16.02 6.49
C VAL A 139 6.14 -15.64 6.65
N LYS A 140 6.50 -14.43 6.22
CA LYS A 140 7.91 -14.04 6.21
C LYS A 140 8.16 -12.85 7.14
N SER A 141 9.30 -12.88 7.83
CA SER A 141 9.71 -11.74 8.66
C SER A 141 10.04 -10.54 7.78
N LEU A 142 9.97 -9.34 8.35
CA LEU A 142 10.20 -8.15 7.52
C LEU A 142 11.63 -8.10 6.96
N ASN A 143 12.59 -8.62 7.72
N ASN A 143 12.59 -8.61 7.71
CA ASN A 143 13.98 -8.61 7.29
CA ASN A 143 13.98 -8.58 7.26
C ASN A 143 14.19 -9.37 5.99
C ASN A 143 14.20 -9.38 5.98
N GLU A 144 13.28 -10.30 5.68
CA GLU A 144 13.39 -11.08 4.46
C GLU A 144 13.20 -10.21 3.23
N TYR A 145 12.62 -9.04 3.41
CA TYR A 145 12.40 -8.13 2.28
C TYR A 145 13.48 -7.09 2.09
N THR A 146 14.42 -6.99 3.02
CA THR A 146 15.43 -5.96 2.88
C THR A 146 16.21 -6.20 1.61
N ALA A 147 16.33 -5.14 0.83
CA ALA A 147 17.08 -5.15 -0.40
C ALA A 147 16.34 -5.77 -1.58
N GLU A 148 15.10 -6.22 -1.37
CA GLU A 148 14.32 -6.79 -2.47
C GLU A 148 13.94 -5.64 -3.38
N PRO A 149 14.19 -5.81 -4.66
CA PRO A 149 13.94 -4.71 -5.59
C PRO A 149 12.52 -4.68 -6.15
N ILE A 150 12.07 -3.48 -6.44
CA ILE A 150 10.80 -3.26 -7.12
C ILE A 150 10.98 -3.70 -8.59
N VAL A 151 9.95 -4.32 -9.16
CA VAL A 151 10.07 -4.86 -10.52
C VAL A 151 9.03 -4.24 -11.45
N THR A 152 9.27 -4.35 -12.75
CA THR A 152 8.25 -4.02 -13.74
C THR A 152 7.84 -5.32 -14.44
N GLN A 154 7.23 -7.98 -17.85
CA GLN A 154 8.01 -8.44 -18.98
C GLN A 154 7.53 -7.81 -20.27
N GLY A 155 8.41 -7.74 -21.25
CA GLY A 155 8.03 -7.34 -22.60
C GLY A 155 7.87 -5.86 -22.81
N GLU A 156 7.07 -5.49 -23.80
CA GLU A 156 6.94 -4.09 -24.21
C GLU A 156 5.72 -3.44 -23.61
N CYS A 157 5.92 -2.27 -23.01
CA CYS A 157 4.80 -1.47 -22.51
C CYS A 157 4.07 -0.86 -23.68
N ILE A 158 2.75 -0.96 -23.71
CA ILE A 158 1.97 -0.41 -24.82
C ILE A 158 1.29 0.94 -24.54
N ASP A 159 1.54 1.48 -23.36
CA ASP A 159 0.91 2.72 -22.90
C ASP A 159 1.28 4.00 -23.63
N ASP A 160 2.47 4.05 -24.19
CA ASP A 160 2.96 5.25 -24.82
C ASP A 160 2.50 5.33 -26.26
N GLN A 161 1.23 5.67 -26.44
CA GLN A 161 0.66 5.77 -27.77
C GLN A 161 0.06 7.12 -27.97
N ASP A 162 0.17 7.62 -29.19
CA ASP A 162 -0.44 8.86 -29.57
C ASP A 162 -1.82 8.60 -30.13
N ILE A 163 -2.79 8.44 -29.26
CA ILE A 163 -4.17 8.19 -29.64
C ILE A 163 -5.04 9.01 -28.75
N GLU A 164 -6.27 9.27 -29.19
CA GLU A 164 -7.25 9.97 -28.38
C GLU A 164 -8.29 8.98 -27.87
N ILE A 165 -8.58 9.06 -26.59
CA ILE A 165 -9.66 8.29 -26.00
C ILE A 165 -10.61 9.29 -25.38
N ALA A 166 -11.90 9.16 -25.69
CA ALA A 166 -12.92 10.01 -25.10
C ALA A 166 -14.07 9.24 -24.50
N ASN A 167 -14.34 8.07 -25.05
CA ASN A 167 -15.43 7.25 -24.55
C ASN A 167 -14.85 6.03 -23.87
N TYR A 168 -15.08 5.92 -22.57
CA TYR A 168 -14.49 4.86 -21.77
C TYR A 168 -15.40 3.68 -21.51
N GLU A 169 -16.57 3.65 -22.12
CA GLU A 169 -17.51 2.55 -21.85
C GLU A 169 -16.89 1.20 -22.23
N PHE A 170 -17.16 0.15 -21.46
CA PHE A 170 -16.60 -1.16 -21.76
C PHE A 170 -17.03 -1.64 -23.13
N ASP A 171 -16.07 -1.96 -23.99
CA ASP A 171 -16.43 -2.49 -25.29
C ASP A 171 -15.51 -3.65 -25.66
N ASP A 172 -16.02 -4.88 -25.66
CA ASP A 172 -15.15 -6.02 -25.96
C ASP A 172 -14.92 -6.07 -27.47
N ALA A 173 -15.84 -5.46 -28.20
CA ALA A 173 -15.79 -5.48 -29.65
C ALA A 173 -14.58 -4.68 -30.18
N LEU A 174 -13.93 -3.95 -29.28
CA LEU A 174 -12.72 -3.24 -29.67
C LEU A 174 -11.66 -4.23 -30.15
N LEU A 175 -11.81 -5.49 -29.76
CA LEU A 175 -10.85 -6.52 -30.16
C LEU A 175 -11.19 -7.19 -31.49
N GLN A 176 -12.35 -6.86 -32.07
CA GLN A 176 -12.73 -7.48 -33.34
C GLN A 176 -11.68 -7.20 -34.40
N GLY A 177 -11.17 -8.26 -35.01
CA GLY A 177 -10.17 -8.14 -36.05
C GLY A 177 -8.85 -7.57 -35.58
N ALA A 178 -8.62 -7.63 -34.27
CA ALA A 178 -7.40 -7.08 -33.68
C ALA A 178 -6.15 -7.86 -34.04
N ALA A 179 -6.24 -9.17 -34.29
CA ALA A 179 -4.99 -9.84 -34.60
C ALA A 179 -4.99 -10.15 -36.08
N GLN A 180 -4.27 -9.32 -36.83
CA GLN A 180 -4.12 -9.50 -38.27
C GLN A 180 -2.77 -10.06 -38.72
N GLY A 181 -1.86 -10.21 -37.78
CA GLY A 181 -0.46 -10.26 -38.12
C GLY A 181 0.03 -11.60 -38.64
N GLU A 182 1.33 -11.68 -38.86
CA GLU A 182 1.98 -12.97 -39.02
C GLU A 182 2.03 -13.55 -37.61
N GLU A 183 2.09 -14.86 -37.49
CA GLU A 183 2.15 -15.48 -36.16
C GLU A 183 3.45 -15.13 -35.48
N VAL A 184 3.36 -14.63 -34.25
CA VAL A 184 4.54 -14.19 -33.52
C VAL A 184 4.38 -14.61 -32.08
N SER A 185 5.48 -14.58 -31.33
CA SER A 185 5.44 -14.71 -29.90
C SER A 185 5.85 -13.38 -29.33
N GLU A 186 4.99 -12.78 -28.51
CA GLU A 186 5.41 -11.58 -27.82
C GLU A 186 4.79 -11.45 -26.44
N VAL A 187 5.35 -10.54 -25.67
CA VAL A 187 4.81 -10.20 -24.35
C VAL A 187 4.58 -8.71 -24.33
N LEU A 188 3.37 -8.31 -23.94
CA LEU A 188 2.95 -6.90 -23.92
C LEU A 188 2.47 -6.58 -22.51
N HIS A 189 2.64 -5.34 -22.07
CA HIS A 189 2.04 -4.99 -20.79
C HIS A 189 1.50 -3.57 -20.76
N SER A 190 0.59 -3.30 -19.82
CA SER A 190 0.01 -1.97 -19.64
C SER A 190 -0.15 -1.69 -18.15
N HIS A 191 0.07 -0.45 -17.76
CA HIS A 191 -0.18 0.00 -16.39
C HIS A 191 -1.56 0.66 -16.20
N LEU A 192 -2.38 0.63 -17.24
CA LEU A 192 -3.61 1.44 -17.30
C LEU A 192 -4.95 0.82 -16.83
N LEU A 193 -4.95 -0.36 -16.21
CA LEU A 193 -6.20 -0.86 -15.62
C LEU A 193 -6.69 -0.04 -14.44
N LYS A 194 -7.97 0.32 -14.47
CA LYS A 194 -8.61 1.01 -13.37
C LYS A 194 -10.06 0.52 -13.30
N SER A 195 -10.62 0.44 -12.08
CA SER A 195 -11.97 -0.09 -11.93
C SER A 195 -13.02 1.03 -12.04
N ASN A 196 -14.27 0.62 -12.03
CA ASN A 196 -15.38 1.54 -12.12
C ASN A 196 -15.64 2.05 -10.73
N ALA A 197 -15.48 3.34 -10.57
CA ALA A 197 -15.50 3.98 -9.28
C ALA A 197 -16.83 3.77 -8.54
N LEU A 198 -17.94 3.82 -9.26
CA LEU A 198 -19.24 3.58 -8.66
C LEU A 198 -19.35 2.17 -8.12
N ILE A 199 -18.90 1.21 -8.91
CA ILE A 199 -18.99 -0.19 -8.53
C ILE A 199 -18.15 -0.58 -7.32
N THR A 200 -16.91 -0.09 -7.29
CA THR A 200 -16.00 -0.40 -6.20
C THR A 200 -16.00 0.72 -5.17
N ASN A 201 -16.80 1.76 -5.43
CA ASN A 201 -16.85 2.92 -4.56
C ASN A 201 -15.61 3.82 -4.69
N GLN A 202 -14.45 3.24 -4.44
CA GLN A 202 -13.20 3.94 -4.62
C GLN A 202 -12.53 3.16 -5.72
N PRO A 203 -11.84 3.84 -6.62
CA PRO A 203 -11.22 3.14 -7.75
C PRO A 203 -10.12 2.20 -7.30
N ASP A 204 -9.98 1.11 -8.02
CA ASP A 204 -8.88 0.16 -7.87
C ASP A 204 -7.99 0.19 -9.12
N TRP A 205 -6.73 -0.23 -9.00
CA TRP A 205 -5.70 0.05 -10.00
C TRP A 205 -4.89 -1.19 -10.28
N GLY A 206 -4.46 -1.38 -11.52
CA GLY A 206 -3.61 -2.52 -11.81
C GLY A 206 -2.77 -2.41 -13.06
N SER A 207 -1.76 -3.27 -13.16
CA SER A 207 -0.98 -3.44 -14.39
C SER A 207 -1.22 -4.85 -14.90
N VAL A 208 -1.10 -5.05 -16.21
CA VAL A 208 -1.43 -6.36 -16.76
C VAL A 208 -0.42 -6.71 -17.84
N GLU A 209 -0.04 -7.98 -17.86
CA GLU A 209 0.97 -8.53 -18.75
C GLU A 209 0.31 -9.64 -19.56
N ILE A 210 0.44 -9.57 -20.88
CA ILE A 210 -0.22 -10.49 -21.78
C ILE A 210 0.85 -11.12 -22.66
N ALA A 211 1.01 -12.43 -22.54
CA ALA A 211 2.03 -13.16 -23.31
C ALA A 211 1.31 -14.15 -24.20
N TYR A 212 1.61 -14.13 -25.50
CA TYR A 212 0.83 -14.97 -26.40
C TYR A 212 1.66 -15.40 -27.59
N HIS A 213 1.20 -16.46 -28.25
CA HIS A 213 1.73 -16.85 -29.54
C HIS A 213 0.54 -16.93 -30.48
N GLY A 214 0.56 -16.12 -31.52
CA GLY A 214 -0.55 -16.08 -32.45
C GLY A 214 -0.39 -14.92 -33.42
N ALA A 215 -1.44 -14.67 -34.19
CA ALA A 215 -1.41 -13.53 -35.09
C ALA A 215 -1.18 -12.28 -34.26
N LYS A 216 -0.30 -11.42 -34.75
CA LYS A 216 0.11 -10.23 -34.02
C LYS A 216 -1.05 -9.30 -33.69
N ASN A 218 -3.08 -5.89 -32.66
CA ASN A 218 -3.03 -4.46 -32.84
C ASN A 218 -2.96 -3.79 -31.46
N ARG A 219 -1.93 -2.99 -31.23
CA ARG A 219 -1.70 -2.45 -29.88
C ARG A 219 -2.67 -1.33 -29.52
N GLU A 220 -3.10 -0.56 -30.52
CA GLU A 220 -4.12 0.47 -30.27
C GLU A 220 -5.42 -0.17 -29.80
N ALA A 221 -5.85 -1.21 -30.52
CA ALA A 221 -7.09 -1.91 -30.15
C ALA A 221 -6.96 -2.48 -28.74
N LEU A 222 -5.83 -3.10 -28.45
CA LEU A 222 -5.64 -3.73 -27.14
C LEU A 222 -5.65 -2.66 -26.05
N LEU A 223 -4.97 -1.54 -26.28
CA LEU A 223 -4.96 -0.46 -25.28
C LEU A 223 -6.36 0.12 -25.05
N ARG A 224 -7.08 0.42 -26.12
CA ARG A 224 -8.44 0.95 -25.99
C ARG A 224 -9.29 -0.03 -25.18
N TYR A 225 -9.15 -1.31 -25.46
CA TYR A 225 -9.92 -2.34 -24.77
C TYR A 225 -9.63 -2.37 -23.28
N LEU A 226 -8.34 -2.37 -22.92
CA LEU A 226 -7.96 -2.41 -21.51
C LEU A 226 -8.44 -1.16 -20.78
N VAL A 227 -8.32 -0.01 -21.43
CA VAL A 227 -8.74 1.25 -20.81
C VAL A 227 -10.24 1.24 -20.56
N SER A 228 -10.97 0.50 -21.38
CA SER A 228 -12.43 0.48 -21.27
C SER A 228 -12.95 -0.25 -20.02
N PHE A 229 -12.06 -0.89 -19.27
CA PHE A 229 -12.46 -1.56 -18.06
C PHE A 229 -12.93 -0.58 -16.99
N ARG A 230 -12.58 0.68 -17.11
CA ARG A 230 -12.98 1.65 -16.10
C ARG A 230 -14.47 1.92 -16.07
N GLU A 231 -15.15 1.51 -17.12
CA GLU A 231 -16.61 1.59 -17.12
C GLU A 231 -17.31 0.24 -17.09
N HIS A 232 -16.54 -0.80 -16.79
CA HIS A 232 -17.04 -2.16 -16.64
C HIS A 232 -17.47 -2.45 -15.21
N ASN A 233 -18.03 -3.62 -15.00
CA ASN A 233 -18.44 -4.05 -13.68
C ASN A 233 -17.62 -5.20 -13.10
N GLU A 234 -16.54 -5.57 -13.80
CA GLU A 234 -15.65 -6.65 -13.37
C GLU A 234 -14.22 -6.12 -13.20
N PHE A 235 -13.59 -6.51 -12.11
CA PHE A 235 -12.19 -6.16 -11.82
C PHE A 235 -11.51 -7.32 -11.11
N HIS A 236 -10.22 -7.18 -10.84
CA HIS A 236 -9.49 -8.18 -10.11
C HIS A 236 -9.53 -9.53 -10.82
N GLU A 237 -9.91 -10.59 -10.12
CA GLU A 237 -9.87 -11.92 -10.72
C GLU A 237 -10.77 -11.99 -11.94
N GLN A 238 -11.95 -11.40 -11.83
CA GLN A 238 -12.91 -11.39 -12.92
C GLN A 238 -12.40 -10.66 -14.15
N CYS A 239 -11.69 -9.56 -13.93
CA CYS A 239 -11.13 -8.79 -15.05
C CYS A 239 -10.11 -9.63 -15.80
N VAL A 240 -9.20 -10.27 -15.07
CA VAL A 240 -8.22 -11.15 -15.71
C VAL A 240 -8.89 -12.26 -16.53
N GLU A 241 -9.94 -12.89 -16.00
CA GLU A 241 -10.60 -13.96 -16.73
C GLU A 241 -11.36 -13.43 -17.96
N ARG A 242 -11.91 -12.22 -17.83
CA ARG A 242 -12.60 -11.58 -18.95
C ARG A 242 -11.61 -11.24 -20.06
N ILE A 243 -10.45 -10.71 -19.69
CA ILE A 243 -9.43 -10.37 -20.69
C ILE A 243 -8.98 -11.62 -21.42
N PHE A 244 -8.73 -12.68 -20.67
CA PHE A 244 -8.27 -13.95 -21.24
C PHE A 244 -9.32 -14.49 -22.22
N THR A 245 -10.57 -14.53 -21.78
CA THR A 245 -11.61 -15.13 -22.61
C THR A 245 -11.90 -14.28 -23.86
N ASP A 246 -11.83 -12.96 -23.72
CA ASP A 246 -12.07 -12.08 -24.86
C ASP A 246 -10.92 -12.18 -25.87
N ILE A 247 -9.68 -12.20 -25.38
CA ILE A 247 -8.56 -12.36 -26.30
C ILE A 247 -8.64 -13.71 -27.01
N ARG A 249 -11.28 -15.50 -27.76
CA ARG A 249 -12.34 -15.55 -28.77
C ARG A 249 -12.13 -14.62 -29.96
N TYR A 250 -11.73 -13.37 -29.70
CA TYR A 250 -11.39 -12.41 -30.75
C TYR A 250 -10.08 -12.61 -31.53
N CYS A 251 -9.02 -12.97 -30.83
CA CYS A 251 -7.70 -13.08 -31.42
C CYS A 251 -7.21 -14.49 -31.70
N GLN A 252 -7.81 -15.46 -31.04
CA GLN A 252 -7.52 -16.85 -31.32
C GLN A 252 -6.03 -17.26 -31.25
N PRO A 253 -5.29 -16.83 -30.25
CA PRO A 253 -3.89 -17.28 -30.17
C PRO A 253 -3.75 -18.76 -29.83
N GLN A 254 -2.65 -19.36 -30.26
CA GLN A 254 -2.30 -20.73 -29.93
C GLN A 254 -2.03 -20.91 -28.43
N SER A 255 -1.35 -19.94 -27.83
CA SER A 255 -1.07 -19.97 -26.40
C SER A 255 -1.24 -18.57 -25.82
N LEU A 256 -1.71 -18.49 -24.58
CA LEU A 256 -1.97 -17.18 -23.99
C LEU A 256 -1.79 -17.21 -22.48
N THR A 257 -1.23 -16.14 -21.92
CA THR A 257 -1.17 -15.96 -20.48
C THR A 257 -1.57 -14.51 -20.21
N VAL A 258 -2.51 -14.32 -19.28
CA VAL A 258 -2.88 -12.98 -18.81
C VAL A 258 -2.65 -12.90 -17.30
N TYR A 259 -1.86 -11.91 -16.88
CA TYR A 259 -1.45 -11.79 -15.49
C TYR A 259 -1.56 -10.34 -15.08
N ALA A 260 -2.37 -10.07 -14.08
CA ALA A 260 -2.50 -8.70 -13.58
C ALA A 260 -1.99 -8.63 -12.15
N ARG A 261 -1.41 -7.49 -11.81
CA ARG A 261 -0.99 -7.19 -10.45
C ARG A 261 -1.66 -5.90 -10.02
N TYR A 262 -2.55 -6.01 -9.04
CA TYR A 262 -3.34 -4.86 -8.59
C TYR A 262 -2.77 -4.23 -7.33
N THR A 263 -2.95 -2.92 -7.19
CA THR A 263 -2.47 -2.26 -5.98
C THR A 263 -3.35 -2.67 -4.81
N ARG A 264 -2.79 -2.62 -3.61
CA ARG A 264 -3.50 -3.16 -2.45
C ARG A 264 -4.70 -2.31 -2.10
N ARG A 265 -5.70 -2.96 -1.51
CA ARG A 265 -6.83 -2.28 -0.89
C ARG A 265 -6.99 -2.93 0.47
N GLY A 266 -7.02 -2.14 1.53
CA GLY A 266 -7.18 -2.70 2.87
C GLY A 266 -6.00 -3.55 3.30
N GLY A 267 -4.81 -3.20 2.80
CA GLY A 267 -3.60 -3.83 3.27
C GLY A 267 -3.16 -5.10 2.55
N LEU A 268 -3.94 -5.53 1.58
N LEU A 268 -3.93 -5.53 1.57
CA LEU A 268 -3.55 -6.70 0.79
CA LEU A 268 -3.55 -6.69 0.78
C LEU A 268 -3.84 -6.52 -0.69
C LEU A 268 -3.84 -6.51 -0.70
N ASP A 269 -3.05 -7.18 -1.53
CA ASP A 269 -3.24 -7.07 -2.96
C ASP A 269 -3.48 -8.42 -3.60
N ILE A 270 -4.05 -8.38 -4.80
CA ILE A 270 -4.41 -9.58 -5.53
C ILE A 270 -3.70 -9.56 -6.86
N ASN A 271 -3.17 -10.72 -7.26
CA ASN A 271 -2.41 -10.85 -8.50
C ASN A 271 -2.84 -12.11 -9.25
N PRO A 272 -3.98 -12.02 -9.99
CA PRO A 272 -4.52 -13.18 -10.70
C PRO A 272 -3.71 -13.55 -11.94
N PHE A 273 -3.40 -14.84 -12.08
CA PHE A 273 -2.63 -15.36 -13.21
C PHE A 273 -3.48 -16.44 -13.90
N ARG A 274 -3.69 -16.29 -15.21
CA ARG A 274 -4.47 -17.27 -15.98
C ARG A 274 -3.75 -17.58 -17.28
N SER A 275 -3.65 -18.87 -17.61
CA SER A 275 -2.87 -19.23 -18.77
C SER A 275 -3.40 -20.49 -19.41
N SER A 276 -3.21 -20.60 -20.72
CA SER A 276 -3.55 -21.83 -21.39
C SER A 276 -2.54 -22.92 -20.98
N HIS A 277 -1.26 -22.62 -21.10
CA HIS A 277 -0.17 -23.55 -20.73
C HIS A 277 0.65 -23.45 -19.40
N GLN A 278 0.56 -22.34 -18.68
CA GLN A 278 1.48 -22.09 -17.55
C GLN A 278 0.72 -22.10 -16.23
N SER A 279 1.35 -22.56 -15.15
CA SER A 279 0.71 -22.63 -13.83
C SER A 279 0.72 -21.37 -12.92
N ALA A 280 1.75 -20.55 -13.05
CA ALA A 280 1.98 -19.50 -12.07
C ALA A 280 3.14 -18.63 -12.51
N PRO A 281 3.20 -17.39 -11.98
CA PRO A 281 4.33 -16.53 -12.28
C PRO A 281 5.54 -17.05 -11.54
N ASN A 282 6.74 -16.67 -11.95
CA ASN A 282 7.94 -17.23 -11.33
C ASN A 282 8.27 -16.63 -9.97
N HIS A 283 7.63 -15.51 -9.64
CA HIS A 283 7.77 -14.94 -8.31
C HIS A 283 6.61 -13.99 -7.99
N ASN A 284 6.63 -13.52 -6.74
CA ASN A 284 5.77 -12.48 -6.14
C ASN A 284 6.29 -11.04 -5.98
N GLN A 285 7.37 -10.68 -6.67
N GLN A 285 7.38 -10.69 -6.65
CA GLN A 285 7.99 -9.37 -6.48
CA GLN A 285 7.99 -9.36 -6.49
C GLN A 285 7.04 -8.19 -6.79
C GLN A 285 7.01 -8.21 -6.76
N ARG A 286 7.02 -7.21 -5.89
CA ARG A 286 6.09 -6.09 -6.02
C ARG A 286 6.46 -5.09 -7.11
N ALA A 288 5.85 -1.00 -8.75
CA ALA A 288 6.08 0.33 -8.16
C ALA A 288 4.89 0.86 -7.37
N ARG A 289 3.68 0.63 -7.87
CA ARG A 289 2.49 1.15 -7.17
C ARG A 289 1.99 0.23 -6.07
N GLN A 290 2.55 -0.97 -6.02
CA GLN A 290 2.09 -1.97 -5.06
C GLN A 290 2.74 -1.73 -3.72
N ASN B 32 -17.32 13.31 -11.93
CA ASN B 32 -16.38 13.96 -11.01
C ASN B 32 -15.13 14.45 -11.73
N GLN B 33 -15.07 15.76 -11.95
CA GLN B 33 -13.86 16.36 -12.48
C GLN B 33 -13.05 16.94 -11.32
N TYR B 34 -11.87 17.43 -11.67
CA TYR B 34 -10.90 17.95 -10.73
C TYR B 34 -11.55 18.96 -9.78
N ASP B 35 -11.35 18.74 -8.49
CA ASP B 35 -12.05 19.50 -7.45
C ASP B 35 -11.23 19.82 -6.19
N PRO B 36 -10.47 20.93 -6.19
CA PRO B 36 -9.68 21.26 -5.01
C PRO B 36 -10.47 21.41 -3.70
N SER B 37 -11.77 21.64 -3.77
CA SER B 37 -12.56 21.86 -2.55
C SER B 37 -12.74 20.58 -1.73
N LEU B 38 -12.33 19.44 -2.30
CA LEU B 38 -12.38 18.18 -1.56
C LEU B 38 -11.34 18.12 -0.43
N LEU B 39 -10.25 18.86 -0.58
CA LEU B 39 -9.20 18.89 0.43
C LEU B 39 -9.70 19.50 1.74
N GLN B 40 -9.46 18.80 2.84
CA GLN B 40 -9.82 19.31 4.18
C GLN B 40 -8.60 19.47 5.06
N PRO B 41 -8.30 20.71 5.49
CA PRO B 41 -7.19 20.89 6.43
C PRO B 41 -7.58 20.49 7.85
N VAL B 42 -6.60 20.11 8.64
CA VAL B 42 -6.81 19.96 10.08
C VAL B 42 -5.70 20.80 10.72
N PRO B 43 -6.04 21.60 11.75
CA PRO B 43 -4.97 22.44 12.26
C PRO B 43 -3.98 21.65 13.12
N ARG B 44 -2.69 21.94 12.99
CA ARG B 44 -1.67 21.31 13.80
C ARG B 44 -1.82 21.67 15.28
N SER B 45 -2.45 22.81 15.52
N SER B 45 -2.46 22.81 15.53
CA SER B 45 -2.62 23.32 16.87
CA SER B 45 -2.58 23.31 16.90
C SER B 45 -3.46 22.41 17.77
C SER B 45 -3.52 22.48 17.78
N LEU B 46 -4.36 21.63 17.16
CA LEU B 46 -5.31 20.85 17.96
C LEU B 46 -4.58 19.95 18.92
N ASN B 47 -3.65 19.17 18.37
N ASN B 47 -3.67 19.14 18.38
CA ASN B 47 -2.89 18.22 19.17
CA ASN B 47 -2.90 18.22 19.22
C ASN B 47 -1.73 18.87 19.93
C ASN B 47 -1.71 18.85 19.93
N ARG B 48 -1.11 19.88 19.32
CA ARG B 48 0.04 20.54 19.93
C ARG B 48 -0.37 21.22 21.23
N ASN B 49 -1.57 21.79 21.24
CA ASN B 49 -2.12 22.33 22.46
C ASN B 49 -2.27 21.23 23.50
N ASP B 50 -2.61 20.03 23.06
CA ASP B 50 -2.71 18.88 23.96
C ASP B 50 -1.36 18.49 24.56
N LEU B 51 -0.28 18.78 23.84
CA LEU B 51 1.06 18.40 24.26
C LEU B 51 1.74 19.46 25.12
N HIS B 52 1.00 20.53 25.43
CA HIS B 52 1.53 21.64 26.20
C HIS B 52 2.65 22.37 25.45
N LEU B 53 2.47 22.52 24.14
CA LEU B 53 3.43 23.24 23.32
C LEU B 53 3.03 24.68 23.11
N SER B 54 4.03 25.57 23.12
CA SER B 54 3.83 26.97 22.77
C SER B 54 3.67 27.08 21.26
N ALA B 55 3.47 28.31 20.78
CA ALA B 55 3.45 28.56 19.34
C ALA B 55 4.85 28.38 18.79
N THR B 56 5.84 28.54 19.66
CA THR B 56 7.23 28.27 19.30
C THR B 56 7.55 26.79 19.49
N LEU B 57 7.96 26.13 18.41
CA LEU B 57 8.10 24.68 18.43
C LEU B 57 9.47 24.22 18.92
N PRO B 58 9.49 23.12 19.67
CA PRO B 58 10.65 22.33 20.12
C PRO B 58 11.32 21.59 18.96
N PHE B 59 10.64 21.51 17.83
CA PHE B 59 11.17 20.73 16.70
C PHE B 59 10.98 21.45 15.38
N GLN B 60 11.69 20.95 14.37
CA GLN B 60 11.44 21.32 13.00
C GLN B 60 11.24 20.03 12.24
N GLY B 61 10.92 20.13 10.96
CA GLY B 61 10.66 18.91 10.22
C GLY B 61 9.63 19.06 9.13
N CYS B 62 9.10 17.92 8.70
CA CYS B 62 8.17 17.88 7.58
C CYS B 62 7.35 16.60 7.63
N ASP B 63 6.25 16.59 6.90
CA ASP B 63 5.48 15.36 6.70
C ASP B 63 5.70 14.94 5.26
N ILE B 64 6.28 13.76 5.07
CA ILE B 64 6.51 13.27 3.72
C ILE B 64 5.40 12.30 3.35
N TRP B 65 4.73 12.57 2.23
CA TRP B 65 3.64 11.72 1.78
C TRP B 65 4.04 11.03 0.49
N THR B 66 3.66 9.77 0.36
CA THR B 66 3.79 9.07 -0.92
C THR B 66 2.42 8.81 -1.53
N LEU B 67 2.22 9.24 -2.77
CA LEU B 67 0.92 9.03 -3.41
C LEU B 67 1.07 7.93 -4.45
N TYR B 68 0.61 6.73 -4.11
CA TYR B 68 0.82 5.57 -4.98
C TYR B 68 -0.19 5.43 -6.11
N GLU B 69 -1.32 6.10 -5.94
N GLU B 69 -1.32 6.10 -5.95
CA GLU B 69 -2.47 6.00 -6.83
CA GLU B 69 -2.44 5.97 -6.88
C GLU B 69 -2.67 7.13 -7.85
C GLU B 69 -2.65 7.11 -7.89
N LEU B 70 -1.72 8.06 -7.95
CA LEU B 70 -1.89 9.26 -8.76
C LEU B 70 -2.13 8.93 -10.25
N SER B 71 -3.25 9.39 -10.79
CA SER B 71 -3.57 9.10 -12.19
C SER B 71 -4.49 10.18 -12.75
N TRP B 72 -4.33 10.50 -14.02
CA TRP B 72 -5.12 11.54 -14.65
C TRP B 72 -5.15 11.24 -16.14
N LEU B 73 -5.80 12.09 -16.92
CA LEU B 73 -5.79 11.90 -18.37
C LEU B 73 -4.89 12.93 -19.01
N ASN B 74 -4.15 12.54 -20.05
CA ASN B 74 -3.39 13.53 -20.80
C ASN B 74 -4.34 14.36 -21.68
N GLN B 75 -3.78 15.25 -22.48
N GLN B 75 -3.80 15.27 -22.47
CA GLN B 75 -4.59 16.21 -23.22
CA GLN B 75 -4.65 16.20 -23.19
C GLN B 75 -5.48 15.49 -24.23
C GLN B 75 -5.45 15.52 -24.29
N LYS B 76 -5.05 14.30 -24.63
CA LYS B 76 -5.76 13.46 -25.59
C LYS B 76 -6.67 12.41 -24.95
N GLY B 77 -6.76 12.41 -23.62
CA GLY B 77 -7.66 11.50 -22.92
C GLY B 77 -7.07 10.15 -22.54
N LEU B 78 -5.79 9.97 -22.79
CA LEU B 78 -5.13 8.71 -22.48
C LEU B 78 -4.66 8.73 -21.03
N PRO B 79 -5.07 7.74 -20.23
CA PRO B 79 -4.67 7.77 -18.83
C PRO B 79 -3.15 7.78 -18.62
N GLN B 80 -2.74 8.52 -17.60
CA GLN B 80 -1.36 8.61 -17.14
C GLN B 80 -1.30 8.11 -15.72
N VAL B 81 -0.24 7.41 -15.34
CA VAL B 81 -0.05 6.97 -13.95
C VAL B 81 1.31 7.41 -13.45
N ALA B 82 1.40 7.76 -12.16
CA ALA B 82 2.64 8.25 -11.58
C ALA B 82 2.62 7.98 -10.09
N ILE B 83 3.78 8.09 -9.46
CA ILE B 83 3.84 8.12 -8.00
C ILE B 83 4.22 9.52 -7.56
N GLY B 84 3.39 10.12 -6.72
CA GLY B 84 3.69 11.44 -6.18
C GLY B 84 4.51 11.37 -4.91
N GLU B 85 5.42 12.32 -4.74
CA GLU B 85 6.16 12.47 -3.49
C GLU B 85 5.97 13.90 -3.03
N VAL B 86 5.43 14.06 -1.83
CA VAL B 86 5.01 15.37 -1.34
C VAL B 86 5.68 15.65 0.02
N SER B 87 6.18 16.86 0.22
CA SER B 87 6.70 17.24 1.54
C SER B 87 5.97 18.48 2.05
N ILE B 88 5.38 18.36 3.24
CA ILE B 88 4.67 19.46 3.88
C ILE B 88 5.46 19.90 5.11
N PRO B 89 5.86 21.19 5.16
CA PRO B 89 6.64 21.68 6.30
C PRO B 89 5.87 21.55 7.63
N ALA B 90 6.56 21.12 8.68
CA ALA B 90 5.94 20.97 9.99
C ALA B 90 5.51 22.30 10.58
N THR B 91 5.96 23.40 9.99
CA THR B 91 5.56 24.75 10.43
C THR B 91 4.23 25.20 9.81
N SER B 92 3.72 24.43 8.85
CA SER B 92 2.45 24.79 8.20
C SER B 92 1.34 24.82 9.24
N ALA B 93 0.36 25.71 9.05
CA ALA B 93 -0.73 25.82 10.02
C ALA B 93 -1.49 24.51 10.09
N ASN B 94 -1.68 23.88 8.93
CA ASN B 94 -2.53 22.72 8.83
C ASN B 94 -1.83 21.49 8.30
N LEU B 95 -2.28 20.33 8.76
CA LEU B 95 -1.99 19.13 8.00
C LEU B 95 -3.16 18.85 7.06
N ILE B 96 -3.03 17.84 6.22
CA ILE B 96 -4.11 17.53 5.28
C ILE B 96 -4.74 16.21 5.69
N GLU B 97 -6.07 16.18 5.84
CA GLU B 97 -6.71 14.95 6.30
C GLU B 97 -6.63 13.90 5.19
N SER B 98 -6.18 12.69 5.54
CA SER B 98 -5.83 11.69 4.52
C SER B 98 -6.97 11.24 3.61
N LYS B 99 -8.16 11.01 4.18
CA LYS B 99 -9.29 10.61 3.33
C LYS B 99 -9.61 11.71 2.33
N SER B 100 -9.60 12.97 2.78
CA SER B 100 -9.85 14.08 1.88
C SER B 100 -8.79 14.19 0.78
N PHE B 101 -7.54 13.87 1.13
CA PHE B 101 -6.44 13.92 0.17
C PHE B 101 -6.73 12.87 -0.92
N LYS B 102 -7.15 11.68 -0.48
CA LYS B 102 -7.48 10.60 -1.43
C LYS B 102 -8.62 11.02 -2.37
N LEU B 103 -9.68 11.57 -1.81
CA LEU B 103 -10.82 12.00 -2.62
C LEU B 103 -10.43 13.08 -3.63
N TYR B 104 -9.61 14.04 -3.18
CA TYR B 104 -9.06 15.08 -4.04
C TYR B 104 -8.27 14.45 -5.19
N LEU B 105 -7.38 13.52 -4.87
CA LEU B 105 -6.61 12.85 -5.93
C LEU B 105 -7.51 12.06 -6.89
N ASN B 106 -8.53 11.40 -6.37
CA ASN B 106 -9.44 10.70 -7.28
C ASN B 106 -10.08 11.65 -8.30
N SER B 107 -10.25 12.92 -7.94
CA SER B 107 -10.85 13.88 -8.85
C SER B 107 -9.98 14.17 -10.07
N TYR B 108 -8.69 13.81 -10.01
CA TYR B 108 -7.83 13.91 -11.21
C TYR B 108 -8.10 12.82 -12.24
N ASN B 109 -8.63 11.68 -11.80
CA ASN B 109 -8.62 10.46 -12.63
C ASN B 109 -9.28 10.59 -14.00
N GLN B 110 -10.43 11.25 -14.04
CA GLN B 110 -11.19 11.48 -15.27
C GLN B 110 -11.01 12.85 -15.95
N THR B 111 -10.04 13.61 -15.44
CA THR B 111 -9.76 14.97 -15.93
C THR B 111 -8.55 15.05 -16.83
N ARG B 112 -8.70 15.72 -17.98
CA ARG B 112 -7.58 15.97 -18.88
C ARG B 112 -6.72 17.11 -18.42
N PHE B 113 -5.40 16.89 -18.39
CA PHE B 113 -4.42 17.93 -18.06
C PHE B 113 -3.41 18.09 -19.19
N ALA B 114 -2.96 19.33 -19.37
CA ALA B 114 -2.10 19.68 -20.51
C ALA B 114 -0.81 18.88 -20.57
N SER B 115 -0.20 18.63 -19.41
CA SER B 115 1.07 17.92 -19.35
C SER B 115 1.33 17.48 -17.93
N TRP B 116 2.42 16.74 -17.72
CA TRP B 116 2.80 16.31 -16.38
C TRP B 116 3.17 17.53 -15.53
N ASP B 117 3.72 18.55 -16.20
CA ASP B 117 4.05 19.79 -15.51
C ASP B 117 2.82 20.49 -14.94
N GLU B 118 1.72 20.46 -15.69
CA GLU B 118 0.50 21.13 -15.20
C GLU B 118 0.00 20.40 -13.97
N VAL B 119 0.07 19.07 -13.98
CA VAL B 119 -0.33 18.29 -12.82
C VAL B 119 0.51 18.62 -11.58
N GLN B 120 1.82 18.71 -11.75
N GLN B 120 1.82 18.70 -11.74
CA GLN B 120 2.68 19.04 -10.61
CA GLN B 120 2.68 19.06 -10.63
C GLN B 120 2.36 20.44 -10.09
C GLN B 120 2.30 20.44 -10.09
N THR B 121 2.12 21.38 -11.01
CA THR B 121 1.76 22.74 -10.66
C THR B 121 0.45 22.84 -9.86
N ARG B 122 -0.57 22.11 -10.31
CA ARG B 122 -1.86 22.11 -9.63
C ARG B 122 -1.73 21.49 -8.23
N LEU B 123 -1.02 20.36 -8.13
CA LEU B 123 -0.76 19.78 -6.81
C LEU B 123 -0.05 20.75 -5.87
N VAL B 124 1.03 21.38 -6.33
CA VAL B 124 1.72 22.35 -5.48
C VAL B 124 0.75 23.45 -5.04
N HIS B 125 -0.02 23.98 -5.98
CA HIS B 125 -0.91 25.09 -5.66
C HIS B 125 -1.96 24.70 -4.60
N ASP B 126 -2.63 23.57 -4.84
CA ASP B 126 -3.76 23.20 -3.99
C ASP B 126 -3.30 22.73 -2.63
N LEU B 127 -2.24 21.91 -2.61
CA LEU B 127 -1.75 21.41 -1.33
C LEU B 127 -1.13 22.52 -0.48
N SER B 128 -0.46 23.48 -1.13
CA SER B 128 0.09 24.62 -0.41
C SER B 128 -1.02 25.47 0.21
N ALA B 129 -2.10 25.66 -0.53
CA ALA B 129 -3.19 26.49 -0.03
C ALA B 129 -3.82 25.81 1.18
N CYS B 130 -3.94 24.49 1.10
CA CYS B 130 -4.61 23.74 2.16
C CYS B 130 -3.74 23.72 3.41
N ALA B 131 -2.45 23.43 3.24
CA ALA B 131 -1.53 23.36 4.38
C ALA B 131 -1.27 24.73 4.98
N GLY B 132 -1.25 25.76 4.15
CA GLY B 132 -1.00 27.12 4.61
C GLY B 132 0.45 27.53 4.45
N GLU B 133 1.24 26.68 3.80
CA GLU B 133 2.64 26.99 3.53
C GLU B 133 3.05 26.24 2.27
N THR B 134 4.06 26.73 1.56
CA THR B 134 4.50 26.08 0.32
C THR B 134 4.88 24.61 0.54
N VAL B 135 4.29 23.73 -0.27
CA VAL B 135 4.53 22.30 -0.22
C VAL B 135 5.38 21.91 -1.42
N THR B 136 6.27 20.92 -1.26
CA THR B 136 7.09 20.44 -2.37
C THR B 136 6.47 19.19 -2.98
N VAL B 137 6.41 19.13 -4.32
CA VAL B 137 5.79 17.98 -5.00
C VAL B 137 6.68 17.50 -6.13
N ASN B 138 6.94 16.19 -6.18
CA ASN B 138 7.59 15.58 -7.32
C ASN B 138 6.66 14.52 -7.89
N VAL B 139 6.40 14.58 -9.18
CA VAL B 139 5.54 13.59 -9.81
C VAL B 139 6.47 12.69 -10.64
N LYS B 140 6.58 11.42 -10.26
CA LYS B 140 7.57 10.53 -10.82
C LYS B 140 6.94 9.43 -11.67
N SER B 141 7.51 9.18 -12.85
CA SER B 141 7.02 8.06 -13.65
C SER B 141 7.31 6.74 -12.95
N LEU B 142 6.50 5.72 -13.25
CA LEU B 142 6.67 4.43 -12.59
C LEU B 142 8.05 3.84 -12.85
N ASN B 143 8.63 4.11 -14.01
N ASN B 143 8.62 4.14 -14.02
CA ASN B 143 9.92 3.50 -14.31
CA ASN B 143 9.92 3.60 -14.40
C ASN B 143 11.09 4.08 -13.50
C ASN B 143 11.05 4.05 -13.47
N GLU B 144 10.84 5.16 -12.78
CA GLU B 144 11.82 5.68 -11.83
C GLU B 144 12.01 4.75 -10.64
N TYR B 145 11.08 3.82 -10.43
CA TYR B 145 11.15 2.87 -9.33
C TYR B 145 11.68 1.48 -9.69
N THR B 146 11.91 1.22 -10.97
CA THR B 146 12.37 -0.10 -11.37
C THR B 146 13.73 -0.39 -10.75
N ALA B 147 13.83 -1.56 -10.10
CA ALA B 147 15.04 -1.99 -9.41
C ALA B 147 15.44 -1.14 -8.20
N GLU B 148 14.49 -0.41 -7.64
CA GLU B 148 14.73 0.30 -6.37
C GLU B 148 14.54 -0.72 -5.26
N PRO B 149 15.51 -0.81 -4.36
CA PRO B 149 15.39 -1.78 -3.27
C PRO B 149 14.52 -1.31 -2.11
N ILE B 150 13.90 -2.28 -1.46
CA ILE B 150 13.22 -2.08 -0.19
C ILE B 150 14.30 -1.86 0.87
N VAL B 151 14.07 -0.93 1.79
CA VAL B 151 15.07 -0.65 2.81
C VAL B 151 14.50 -0.91 4.20
N THR B 152 15.38 -1.05 5.18
CA THR B 152 14.92 -1.03 6.55
C THR B 152 15.43 0.23 7.24
N GLN B 154 17.53 2.63 10.03
N GLN B 154 17.54 2.63 10.03
CA GLN B 154 18.91 2.72 10.52
CA GLN B 154 18.91 2.72 10.51
C GLN B 154 19.03 2.34 11.99
C GLN B 154 19.03 2.35 11.99
N GLY B 155 20.23 1.96 12.39
CA GLY B 155 20.52 1.72 13.79
C GLY B 155 20.06 0.35 14.25
N GLU B 156 19.82 0.24 15.55
CA GLU B 156 19.54 -1.03 16.17
C GLU B 156 18.05 -1.25 16.38
N CYS B 157 17.54 -2.39 15.92
CA CYS B 157 16.13 -2.74 16.19
C CYS B 157 15.96 -3.13 17.66
N ILE B 158 14.95 -2.56 18.33
CA ILE B 158 14.70 -2.88 19.73
C ILE B 158 13.63 -3.93 19.97
N ASP B 159 13.09 -4.50 18.90
CA ASP B 159 11.88 -5.33 19.01
C ASP B 159 12.16 -6.71 19.57
N ASP B 160 13.39 -7.18 19.55
CA ASP B 160 13.51 -8.56 19.96
C ASP B 160 13.96 -8.52 21.40
N GLN B 161 12.97 -8.68 22.24
CA GLN B 161 13.17 -8.63 23.67
C GLN B 161 12.21 -9.63 24.20
N ASP B 162 12.62 -10.40 25.18
CA ASP B 162 11.70 -11.37 25.70
C ASP B 162 11.14 -10.67 26.92
N ILE B 163 9.94 -10.15 26.75
CA ILE B 163 9.26 -9.42 27.77
C ILE B 163 7.78 -9.69 27.60
N GLU B 164 7.06 -9.52 28.70
CA GLU B 164 5.63 -9.73 28.73
C GLU B 164 4.91 -8.39 28.82
N ILE B 165 3.87 -8.23 28.01
CA ILE B 165 3.02 -7.05 28.05
C ILE B 165 1.69 -7.42 28.71
N ALA B 166 1.41 -6.86 29.89
CA ALA B 166 0.19 -7.19 30.62
C ALA B 166 -0.98 -6.20 30.42
N ASN B 167 -0.69 -5.07 29.81
CA ASN B 167 -1.64 -3.98 29.65
C ASN B 167 -1.35 -3.25 28.33
N TYR B 168 -2.36 -2.92 27.54
CA TYR B 168 -2.13 -2.13 26.32
C TYR B 168 -2.41 -0.62 26.38
N GLU B 169 -2.79 -0.13 27.56
CA GLU B 169 -3.17 1.28 27.71
C GLU B 169 -1.96 2.20 27.55
N PHE B 170 -2.16 3.34 26.89
CA PHE B 170 -1.07 4.26 26.65
C PHE B 170 -0.54 4.79 27.97
N ASP B 171 0.77 4.69 28.18
CA ASP B 171 1.35 5.27 29.39
C ASP B 171 2.63 6.00 29.08
N ASP B 172 2.64 7.33 29.20
CA ASP B 172 3.86 8.05 28.85
C ASP B 172 4.87 7.91 29.99
N ALA B 173 4.37 7.58 31.18
CA ALA B 173 5.23 7.37 32.36
C ALA B 173 6.14 6.14 32.23
N LEU B 174 5.93 5.33 31.19
CA LEU B 174 6.83 4.23 30.92
C LEU B 174 8.23 4.77 30.66
N LEU B 175 8.32 6.03 30.26
CA LEU B 175 9.62 6.64 30.00
C LEU B 175 10.28 7.29 31.21
N GLN B 176 9.59 7.30 32.35
CA GLN B 176 10.16 7.94 33.54
C GLN B 176 11.44 7.23 33.94
N GLY B 177 12.54 7.96 34.02
CA GLY B 177 13.83 7.38 34.39
C GLY B 177 14.41 6.46 33.33
N ALA B 178 13.87 6.56 32.12
CA ALA B 178 14.29 5.70 31.02
C ALA B 178 15.65 6.07 30.45
N ALA B 179 16.13 7.30 30.65
CA ALA B 179 17.48 7.48 30.22
C ALA B 179 18.39 7.85 31.37
N GLN B 180 19.00 6.82 31.95
CA GLN B 180 20.00 6.98 33.00
C GLN B 180 21.44 6.71 32.61
N GLY B 181 21.67 6.29 31.38
CA GLY B 181 22.96 5.74 31.00
C GLY B 181 23.99 6.78 30.63
N GLU B 182 25.14 6.30 30.18
N GLU B 182 25.15 6.31 30.18
CA GLU B 182 26.23 7.18 29.79
CA GLU B 182 26.23 7.21 29.81
C GLU B 182 25.86 8.02 28.56
C GLU B 182 25.85 8.02 28.57
N GLU B 183 26.56 9.13 28.36
CA GLU B 183 26.31 10.00 27.22
C GLU B 183 26.64 9.26 25.93
N VAL B 184 25.69 9.19 25.03
CA VAL B 184 25.87 8.48 23.76
C VAL B 184 25.21 9.18 22.60
N SER B 185 25.59 8.81 21.39
N SER B 185 25.59 8.80 21.39
CA SER B 185 24.79 9.13 20.21
CA SER B 185 24.83 9.12 20.19
C SER B 185 24.40 7.79 19.63
C SER B 185 24.40 7.78 19.60
N GLU B 186 23.10 7.60 19.40
CA GLU B 186 22.57 6.31 19.09
C GLU B 186 21.37 6.45 18.17
N VAL B 187 21.14 5.43 17.35
CA VAL B 187 19.93 5.33 16.53
C VAL B 187 19.26 4.00 16.84
N LEU B 188 17.99 4.07 17.21
CA LEU B 188 17.19 2.89 17.55
C LEU B 188 15.97 2.85 16.65
N HIS B 189 15.42 1.66 16.40
CA HIS B 189 14.14 1.63 15.70
C HIS B 189 13.25 0.48 16.12
N SER B 190 11.98 0.62 15.79
CA SER B 190 11.00 -0.42 16.08
C SER B 190 9.98 -0.48 14.95
N HIS B 191 9.52 -1.69 14.64
CA HIS B 191 8.44 -1.93 13.66
C HIS B 191 7.08 -2.10 14.29
N LEU B 192 7.00 -1.91 15.61
CA LEU B 192 5.81 -2.26 16.40
C LEU B 192 4.78 -1.15 16.65
N LEU B 193 4.93 -0.01 15.98
CA LEU B 193 3.94 1.04 16.09
C LEU B 193 2.60 0.67 15.45
N LYS B 194 1.53 0.76 16.24
CA LYS B 194 0.19 0.59 15.73
C LYS B 194 -0.71 1.57 16.45
N SER B 195 -1.64 2.17 15.71
CA SER B 195 -2.58 3.10 16.31
C SER B 195 -3.94 2.99 15.64
N ASN B 196 -5.01 3.14 16.43
CA ASN B 196 -6.36 3.13 15.89
C ASN B 196 -6.86 4.53 15.53
N ASN B 201 -11.77 3.42 12.16
CA ASN B 201 -11.26 2.72 13.34
C ASN B 201 -10.22 1.66 12.99
N GLN B 202 -10.18 1.30 11.71
CA GLN B 202 -9.25 0.30 11.20
C GLN B 202 -7.81 0.64 11.62
N PRO B 203 -7.00 -0.38 11.95
CA PRO B 203 -5.64 -0.12 12.42
C PRO B 203 -4.72 0.47 11.35
N ASP B 204 -3.78 1.30 11.81
CA ASP B 204 -2.70 1.85 11.02
C ASP B 204 -1.42 1.27 11.57
N TRP B 205 -0.38 1.17 10.74
CA TRP B 205 0.83 0.46 11.11
C TRP B 205 2.04 1.29 10.76
N GLY B 206 3.05 1.28 11.63
CA GLY B 206 4.27 2.02 11.34
C GLY B 206 5.55 1.47 11.94
N SER B 207 6.65 1.90 11.36
CA SER B 207 7.96 1.71 11.96
C SER B 207 8.47 3.08 12.35
N VAL B 208 9.28 3.14 13.40
CA VAL B 208 9.79 4.44 13.87
C VAL B 208 11.27 4.36 14.23
N GLU B 209 11.99 5.42 13.87
CA GLU B 209 13.42 5.51 14.08
C GLU B 209 13.69 6.71 14.99
N ILE B 210 14.48 6.47 16.03
CA ILE B 210 14.79 7.48 17.02
C ILE B 210 16.31 7.65 17.10
N ALA B 211 16.78 8.83 16.76
CA ALA B 211 18.22 9.13 16.78
C ALA B 211 18.42 10.23 17.81
N TYR B 212 19.38 10.04 18.71
CA TYR B 212 19.54 11.04 19.76
C TYR B 212 20.97 11.12 20.27
N HIS B 213 21.27 12.26 20.87
CA HIS B 213 22.50 12.45 21.59
C HIS B 213 22.07 12.78 23.00
N GLY B 214 22.40 11.92 23.95
CA GLY B 214 22.06 12.17 25.35
C GLY B 214 22.32 10.96 26.20
N ALA B 215 21.74 10.94 27.39
CA ALA B 215 21.94 9.82 28.29
C ALA B 215 21.34 8.56 27.67
N LYS B 216 22.07 7.44 27.73
CA LYS B 216 21.63 6.24 27.03
C LYS B 216 20.27 5.74 27.51
N ASN B 218 16.99 3.27 28.10
CA ASN B 218 16.65 1.90 28.41
C ASN B 218 15.76 1.34 27.31
N ARG B 219 16.18 0.27 26.65
CA ARG B 219 15.45 -0.15 25.45
C ARG B 219 14.13 -0.87 25.78
N GLU B 220 14.06 -1.47 26.97
CA GLU B 220 12.80 -2.10 27.38
C GLU B 220 11.73 -1.05 27.63
N ALA B 221 12.11 0.02 28.32
CA ALA B 221 11.16 1.11 28.59
C ALA B 221 10.67 1.73 27.29
N LEU B 222 11.59 2.00 26.37
CA LEU B 222 11.24 2.56 25.08
C LEU B 222 10.30 1.63 24.31
N LEU B 223 10.61 0.34 24.26
CA LEU B 223 9.75 -0.62 23.57
C LEU B 223 8.36 -0.65 24.20
N ARG B 224 8.29 -0.71 25.53
CA ARG B 224 6.98 -0.77 26.19
C ARG B 224 6.19 0.51 25.89
N TYR B 225 6.88 1.64 25.90
CA TYR B 225 6.24 2.93 25.61
C TYR B 225 5.62 2.90 24.21
N LEU B 226 6.40 2.47 23.22
CA LEU B 226 5.89 2.43 21.86
C LEU B 226 4.71 1.46 21.70
N VAL B 227 4.79 0.28 22.31
CA VAL B 227 3.72 -0.71 22.25
C VAL B 227 2.42 -0.17 22.87
N SER B 228 2.56 0.74 23.83
CA SER B 228 1.38 1.28 24.50
C SER B 228 0.57 2.24 23.61
N PHE B 229 1.07 2.59 22.42
CA PHE B 229 0.24 3.36 21.48
C PHE B 229 -0.88 2.50 20.87
N ARG B 230 -0.81 1.19 21.07
N ARG B 230 -0.82 1.20 21.09
CA ARG B 230 -1.64 0.23 20.32
CA ARG B 230 -1.63 0.23 20.37
C ARG B 230 -3.14 0.57 20.29
C ARG B 230 -3.12 0.60 20.29
N GLU B 231 -3.72 0.92 21.43
CA GLU B 231 -5.14 1.28 21.50
C GLU B 231 -5.40 2.79 21.51
N HIS B 232 -4.32 3.55 21.52
CA HIS B 232 -4.33 5.01 21.49
C HIS B 232 -4.86 5.51 20.15
N ASN B 233 -5.73 6.51 20.16
CA ASN B 233 -6.23 7.08 18.91
C ASN B 233 -5.60 8.44 18.61
N GLU B 234 -5.06 8.60 17.39
CA GLU B 234 -4.48 9.88 16.98
C GLU B 234 -3.96 9.80 15.53
N PHE B 235 -3.76 10.95 14.89
CA PHE B 235 -3.17 10.96 13.54
C PHE B 235 -1.68 10.58 13.59
N HIS B 236 -1.16 10.16 12.45
CA HIS B 236 0.24 9.74 12.38
C HIS B 236 1.20 10.85 12.79
N GLU B 237 0.93 12.05 12.28
CA GLU B 237 1.75 13.23 12.60
C GLU B 237 1.73 13.50 14.10
N GLN B 238 0.54 13.32 14.68
N GLN B 238 0.57 13.34 14.73
CA GLN B 238 0.32 13.52 16.11
CA GLN B 238 0.46 13.61 16.17
C GLN B 238 1.09 12.52 16.98
C GLN B 238 1.21 12.59 17.00
N CYS B 239 1.15 11.27 16.54
N CYS B 239 1.19 11.33 16.56
CA CYS B 239 1.93 10.26 17.25
CA CYS B 239 1.93 10.28 17.26
C CYS B 239 3.41 10.62 17.27
C CYS B 239 3.42 10.58 17.26
N VAL B 240 3.94 11.03 16.13
CA VAL B 240 5.35 11.36 16.05
C VAL B 240 5.68 12.54 16.96
N GLU B 241 4.81 13.54 16.99
CA GLU B 241 5.07 14.70 17.85
C GLU B 241 4.96 14.34 19.32
N ARG B 242 4.07 13.41 19.63
N ARG B 242 4.09 13.40 19.63
CA ARG B 242 3.93 12.91 21.00
CA ARG B 242 3.92 12.93 21.02
C ARG B 242 5.20 12.21 21.43
C ARG B 242 5.16 12.14 21.47
N ILE B 243 5.67 11.29 20.60
CA ILE B 243 6.89 10.55 20.90
C ILE B 243 8.02 11.53 21.13
N PHE B 244 8.13 12.52 20.23
CA PHE B 244 9.20 13.50 20.35
C PHE B 244 9.11 14.24 21.69
N THR B 245 7.92 14.77 22.00
CA THR B 245 7.81 15.59 23.20
C THR B 245 7.91 14.75 24.49
N ASP B 246 7.42 13.51 24.47
CA ASP B 246 7.57 12.65 25.64
C ASP B 246 9.03 12.28 25.86
N ILE B 247 9.72 11.89 24.80
CA ILE B 247 11.15 11.62 24.95
C ILE B 247 11.91 12.86 25.45
N ARG B 249 10.79 15.36 27.27
CA ARG B 249 10.44 15.64 28.66
C ARG B 249 11.05 14.66 29.66
N TYR B 250 10.81 13.38 29.42
CA TYR B 250 11.32 12.31 30.25
C TYR B 250 12.82 12.00 30.18
N CYS B 251 13.35 12.05 28.97
CA CYS B 251 14.73 11.66 28.71
C CYS B 251 15.73 12.78 28.53
N GLN B 252 15.27 13.96 28.14
CA GLN B 252 16.13 15.13 28.05
C GLN B 252 17.41 14.99 27.21
N PRO B 253 17.31 14.42 26.03
CA PRO B 253 18.48 14.37 25.15
C PRO B 253 18.86 15.76 24.65
N GLN B 254 20.13 15.97 24.37
CA GLN B 254 20.62 17.20 23.80
C GLN B 254 20.11 17.43 22.37
N SER B 255 20.02 16.35 21.62
CA SER B 255 19.54 16.36 20.25
C SER B 255 18.66 15.14 20.03
N LEU B 256 17.55 15.32 19.31
CA LEU B 256 16.58 14.26 19.09
C LEU B 256 15.97 14.32 17.69
N THR B 257 15.89 13.18 17.01
CA THR B 257 15.15 13.06 15.77
C THR B 257 14.23 11.84 15.87
N VAL B 258 12.97 12.01 15.48
CA VAL B 258 12.00 10.93 15.44
C VAL B 258 11.40 10.91 14.04
N TYR B 259 11.50 9.75 13.37
CA TYR B 259 11.04 9.61 11.99
C TYR B 259 10.24 8.32 11.92
N ALA B 260 8.97 8.42 11.54
CA ALA B 260 8.12 7.24 11.43
C ALA B 260 7.69 7.08 9.98
N ARG B 261 7.62 5.84 9.51
CA ARG B 261 7.12 5.51 8.18
C ARG B 261 5.92 4.60 8.35
N TYR B 262 4.76 5.10 7.97
CA TYR B 262 3.53 4.36 8.17
C TYR B 262 3.09 3.68 6.89
N THR B 263 2.41 2.54 7.03
CA THR B 263 1.82 1.91 5.84
C THR B 263 0.67 2.75 5.27
N ARG B 264 0.43 2.62 3.98
CA ARG B 264 -0.57 3.45 3.31
C ARG B 264 -2.00 3.12 3.72
N ARG B 265 -2.86 4.11 3.61
CA ARG B 265 -4.30 3.94 3.70
C ARG B 265 -4.89 4.77 2.57
N GLY B 266 -5.79 4.18 1.80
CA GLY B 266 -6.40 4.86 0.67
C GLY B 266 -5.42 5.26 -0.41
N GLY B 267 -4.32 4.50 -0.53
CA GLY B 267 -3.34 4.74 -1.57
C GLY B 267 -2.27 5.77 -1.24
N LEU B 268 -2.30 6.28 -0.01
CA LEU B 268 -1.38 7.33 0.43
C LEU B 268 -0.69 6.92 1.70
N ASP B 269 0.62 7.15 1.82
CA ASP B 269 1.24 6.97 3.13
C ASP B 269 1.84 8.25 3.65
N ILE B 270 1.98 8.33 4.97
CA ILE B 270 2.50 9.52 5.63
C ILE B 270 3.73 9.15 6.42
N ASN B 271 4.76 10.01 6.36
CA ASN B 271 6.03 9.73 7.01
C ASN B 271 6.50 10.97 7.74
N PRO B 272 5.98 11.18 8.98
CA PRO B 272 6.34 12.42 9.67
C PRO B 272 7.76 12.37 10.23
N PHE B 273 8.45 13.49 10.11
CA PHE B 273 9.83 13.66 10.56
C PHE B 273 9.89 14.89 11.45
N ARG B 274 10.39 14.71 12.67
CA ARG B 274 10.51 15.81 13.63
C ARG B 274 11.87 15.74 14.29
N SER B 275 12.59 16.85 14.33
CA SER B 275 13.97 16.86 14.80
C SER B 275 14.28 18.15 15.50
N SER B 276 15.15 18.10 16.49
CA SER B 276 15.57 19.36 17.06
C SER B 276 16.49 20.12 16.12
N HIS B 277 17.44 19.42 15.48
CA HIS B 277 18.35 20.07 14.53
C HIS B 277 18.23 19.89 13.00
N GLN B 278 17.36 18.99 12.54
CA GLN B 278 17.36 18.62 11.13
C GLN B 278 16.05 19.03 10.48
N SER B 279 16.13 19.54 9.26
CA SER B 279 14.95 19.99 8.51
C SER B 279 14.18 18.87 7.76
N ALA B 280 14.92 17.89 7.26
CA ALA B 280 14.35 16.80 6.48
C ALA B 280 15.14 15.52 6.70
N PRO B 281 14.51 14.36 6.45
CA PRO B 281 15.29 13.11 6.49
C PRO B 281 16.24 13.03 5.30
N ASN B 282 17.31 12.26 5.43
CA ASN B 282 18.32 12.21 4.37
C ASN B 282 18.07 11.08 3.40
N HIS B 283 16.97 10.37 3.62
CA HIS B 283 16.52 9.33 2.71
C HIS B 283 15.00 9.30 2.64
N ASN B 284 14.45 9.18 1.44
CA ASN B 284 13.06 8.79 1.32
C ASN B 284 13.00 7.52 0.49
N GLN B 285 12.73 6.40 1.16
CA GLN B 285 12.74 5.08 0.50
C GLN B 285 11.74 4.20 1.22
N ARG B 286 11.05 3.33 0.48
CA ARG B 286 9.94 2.61 1.10
C ARG B 286 10.43 1.41 1.88
N ALA B 288 9.42 -2.36 4.01
CA ALA B 288 8.83 -3.62 3.54
C ALA B 288 7.29 -3.60 3.51
N ARG B 289 6.68 -3.05 4.56
CA ARG B 289 5.23 -3.07 4.63
C ARG B 289 4.60 -1.93 3.85
N GLN B 290 5.41 -0.97 3.44
CA GLN B 290 4.87 0.18 2.73
C GLN B 290 4.59 -0.16 1.27
#